data_2BOK
#
_entry.id   2BOK
#
_cell.length_a   48.840
_cell.length_b   71.670
_cell.length_c   72.750
_cell.angle_alpha   90.00
_cell.angle_beta   90.00
_cell.angle_gamma   90.00
#
_symmetry.space_group_name_H-M   'P 21 21 21'
#
loop_
_entity.id
_entity.type
_entity.pdbx_description
1 polymer 'COAGULATION FACTOR X'
2 polymer 'COAGULATION FACTOR X'
3 non-polymer '[AMINO (4-{(3AS,4R,8AS,8BR)-1,3-DIOXO-2- [3-(TRIMETHYLAMMONIO) PROPYL]DECAHYDROPYRROLO[3,4-A] PYRROLIZIN-4-YL}PHENYL) METHYLENE]AMMONIUM'
4 non-polymer 'SODIUM ION'
5 water water
#
loop_
_entity_poly.entity_id
_entity_poly.type
_entity_poly.pdbx_seq_one_letter_code
_entity_poly.pdbx_strand_id
1 'polypeptide(L)'
;IVGGQECKDGECPWQALLINEENEGFCGGTILSEFYILTAAHCLYQAKRFKVRVGDRNTEQEEGGEAVHEVEVVIKHNRF
TKETYDFDIAVLRLKTPITFRMNVAPACLPERDWAESTLMTQKTGIVSGFGRTHEKGEQSTRLKMLEVPYVDRNSCKLSS
SFIITQNMFCAGYDTKQEDACQGDSGGPHVTRFKDTYFVTGIVSWGEGCARKGKYGIYTKVTAFLKWIDRSMKTRGLPKA
K
;
A
2 'polypeptide(L)' RKLCSLDNGDCDQFCHEEQNSVVCSCARGYTLADNGKACIPTGPYPCGKQTLERR L
#
loop_
_chem_comp.id
_chem_comp.type
_chem_comp.name
_chem_comp.formula
784 non-polymer '[AMINO (4-{(3AS,4R,8AS,8BR)-1,3-DIOXO-2- [3-(TRIMETHYLAMMONIO) PROPYL]DECAHYDROPYRROLO[3,4-A] PYRROLIZIN-4-YL}PHENYL) METHYLENE]AMMONIUM' 'C22 H32 N5 O2 1'
NA non-polymer 'SODIUM ION' 'Na 1'
#
# COMPACT_ATOMS: atom_id res chain seq x y z
N ILE A 1 7.27 12.05 -2.88
CA ILE A 1 7.59 11.93 -1.42
C ILE A 1 8.42 13.15 -0.96
N VAL A 2 7.88 13.88 0.00
CA VAL A 2 8.57 14.99 0.67
C VAL A 2 9.29 14.44 1.90
N GLY A 3 10.61 14.64 1.96
CA GLY A 3 11.44 14.04 2.98
C GLY A 3 11.70 12.58 2.69
N GLY A 4 11.75 11.76 3.74
CA GLY A 4 12.08 10.34 3.58
C GLY A 4 13.47 10.13 2.97
N GLN A 5 13.63 9.03 2.23
CA GLN A 5 14.93 8.63 1.67
C GLN A 5 14.72 7.86 0.36
N GLU A 6 15.74 7.79 -0.47
CA GLU A 6 15.61 7.00 -1.70
C GLU A 6 15.67 5.53 -1.32
N CYS A 7 14.85 4.71 -1.97
CA CYS A 7 14.92 3.26 -1.81
C CYS A 7 16.26 2.73 -2.31
N LYS A 8 16.87 1.83 -1.56
CA LYS A 8 17.98 1.06 -2.10
C LYS A 8 17.44 0.11 -3.18
N ASP A 9 18.34 -0.41 -4.01
CA ASP A 9 17.96 -1.33 -5.06
C ASP A 9 17.35 -2.59 -4.40
N GLY A 10 16.13 -2.94 -4.80
CA GLY A 10 15.42 -4.09 -4.23
C GLY A 10 14.61 -3.85 -2.96
N GLU A 11 14.66 -2.63 -2.42
CA GLU A 11 14.05 -2.31 -1.13
C GLU A 11 12.54 -2.03 -1.20
N CYS A 12 12.07 -1.61 -2.37
CA CYS A 12 10.66 -1.23 -2.57
C CYS A 12 10.11 -1.89 -3.86
N PRO A 13 10.16 -3.24 -3.93
CA PRO A 13 9.90 -3.94 -5.19
C PRO A 13 8.43 -4.00 -5.60
N TRP A 14 7.51 -3.70 -4.69
CA TRP A 14 6.05 -3.75 -4.96
C TRP A 14 5.52 -2.47 -5.62
N GLN A 15 6.40 -1.49 -5.82
CA GLN A 15 5.98 -0.22 -6.41
C GLN A 15 5.65 -0.37 -7.89
N ALA A 16 4.48 0.16 -8.29
CA ALA A 16 4.13 0.34 -9.69
C ALA A 16 3.95 1.82 -9.99
N LEU A 17 4.16 2.19 -11.26
CA LEU A 17 3.93 3.56 -11.70
C LEU A 17 2.93 3.59 -12.87
N LEU A 18 1.92 4.44 -12.74
CA LEU A 18 0.95 4.64 -13.82
C LEU A 18 1.50 5.74 -14.72
N ILE A 19 1.70 5.41 -16.00
CA ILE A 19 2.26 6.38 -16.95
C ILE A 19 1.28 6.74 -18.07
N ASN A 20 1.31 8.01 -18.49
CA ASN A 20 0.49 8.47 -19.61
C ASN A 20 1.08 8.04 -20.96
N GLU A 21 0.42 8.43 -22.05
CA GLU A 21 0.87 8.08 -23.40
C GLU A 21 2.31 8.53 -23.74
N GLU A 22 2.83 9.52 -23.03
CA GLU A 22 4.20 10.00 -23.26
C GLU A 22 5.22 9.48 -22.24
N ASN A 23 4.86 8.41 -21.54
CA ASN A 23 5.72 7.80 -20.51
C ASN A 23 6.04 8.74 -19.33
N GLU A 24 5.09 9.60 -18.99
CA GLU A 24 5.21 10.44 -17.79
C GLU A 24 4.33 9.88 -16.65
N GLY A 25 4.94 9.66 -15.48
CA GLY A 25 4.19 9.17 -14.32
C GLY A 25 3.23 10.22 -13.77
N PHE A 26 2.06 9.78 -13.33
CA PHE A 26 1.07 10.66 -12.69
C PHE A 26 0.45 10.07 -11.42
N CYS A 27 0.69 8.79 -11.18
CA CYS A 27 0.12 8.06 -10.05
C CYS A 27 0.95 6.82 -9.79
N GLY A 28 0.86 6.31 -8.56
CA GLY A 28 1.48 5.03 -8.20
C GLY A 28 0.48 3.87 -8.16
N GLY A 29 0.99 2.67 -7.93
CA GLY A 29 0.19 1.49 -7.64
C GLY A 29 1.01 0.49 -6.80
N THR A 30 0.36 -0.60 -6.38
CA THR A 30 1.04 -1.69 -5.65
C THR A 30 0.84 -3.00 -6.38
N ILE A 31 1.94 -3.71 -6.64
CA ILE A 31 1.88 -5.05 -7.25
C ILE A 31 1.26 -6.05 -6.27
N LEU A 32 0.18 -6.72 -6.68
CA LEU A 32 -0.46 -7.73 -5.82
C LEU A 32 -0.21 -9.16 -6.30
N SER A 33 0.03 -9.29 -7.60
CA SER A 33 0.27 -10.58 -8.25
C SER A 33 0.78 -10.36 -9.68
N GLU A 34 1.03 -11.44 -10.41
CA GLU A 34 1.52 -11.31 -11.77
C GLU A 34 0.55 -10.52 -12.67
N PHE A 35 -0.74 -10.56 -12.36
CA PHE A 35 -1.77 -9.94 -13.19
C PHE A 35 -2.48 -8.71 -12.57
N TYR A 36 -2.28 -8.46 -11.28
CA TYR A 36 -3.09 -7.44 -10.56
C TYR A 36 -2.29 -6.33 -9.89
N ILE A 37 -2.79 -5.10 -10.06
CA ILE A 37 -2.22 -3.89 -9.47
C ILE A 37 -3.29 -3.18 -8.65
N LEU A 38 -2.95 -2.80 -7.42
CA LEU A 38 -3.85 -1.99 -6.59
C LEU A 38 -3.53 -0.51 -6.80
N THR A 39 -4.57 0.32 -6.96
CA THR A 39 -4.39 1.77 -7.08
C THR A 39 -5.63 2.51 -6.54
N ALA A 40 -5.63 3.85 -6.65
CA ALA A 40 -6.74 4.66 -6.18
C ALA A 40 -7.71 4.90 -7.35
N ALA A 41 -9.00 4.85 -7.06
CA ALA A 41 -10.02 5.16 -8.07
C ALA A 41 -9.83 6.58 -8.65
N HIS A 42 -9.41 7.55 -7.83
CA HIS A 42 -9.22 8.92 -8.32
C HIS A 42 -8.14 9.05 -9.40
N CYS A 43 -7.22 8.09 -9.45
CA CYS A 43 -6.16 8.07 -10.45
C CYS A 43 -6.72 7.76 -11.83
N LEU A 44 -7.91 7.17 -11.88
CA LEU A 44 -8.57 6.83 -13.15
C LEU A 44 -9.11 8.07 -13.90
N TYR A 45 -9.04 9.23 -13.26
CA TYR A 45 -9.55 10.48 -13.84
C TYR A 45 -8.42 11.46 -14.15
N GLN A 46 -7.18 10.97 -14.07
CA GLN A 46 -6.01 11.84 -14.18
C GLN A 46 -5.43 11.92 -15.59
N ALA A 47 -5.68 10.89 -16.40
CA ALA A 47 -5.22 10.83 -17.78
C ALA A 47 -6.32 10.22 -18.66
N LYS A 48 -6.23 10.43 -19.97
CA LYS A 48 -7.20 9.85 -20.89
C LYS A 48 -6.90 8.37 -21.07
N ARG A 49 -5.61 8.07 -21.22
CA ARG A 49 -5.13 6.71 -21.39
C ARG A 49 -3.92 6.54 -20.48
N PHE A 50 -3.67 5.30 -20.05
CA PHE A 50 -2.49 5.01 -19.24
C PHE A 50 -2.06 3.54 -19.32
N LYS A 51 -0.80 3.29 -18.99
CA LYS A 51 -0.31 1.93 -18.78
C LYS A 51 0.42 1.83 -17.43
N VAL A 52 0.96 0.65 -17.13
CA VAL A 52 1.62 0.39 -15.85
C VAL A 52 3.10 0.02 -16.06
N ARG A 53 3.99 0.71 -15.36
CA ARG A 53 5.41 0.41 -15.38
C ARG A 53 5.86 -0.15 -14.03
N VAL A 54 6.66 -1.22 -14.07
CA VAL A 54 7.22 -1.84 -12.86
C VAL A 54 8.75 -1.79 -12.91
N GLY A 55 9.39 -1.86 -11.74
CA GLY A 55 10.84 -1.70 -11.64
C GLY A 55 11.26 -0.24 -11.66
N ALA A 67 9.94 -2.57 -17.58
CA ALA A 67 8.86 -3.24 -18.30
C ALA A 67 7.54 -2.50 -18.15
N VAL A 68 6.85 -2.36 -19.28
CA VAL A 68 5.57 -1.65 -19.37
C VAL A 68 4.48 -2.66 -19.72
N HIS A 69 3.35 -2.57 -19.02
CA HIS A 69 2.21 -3.48 -19.22
C HIS A 69 0.92 -2.70 -19.49
N GLU A 70 0.15 -3.17 -20.47
CA GLU A 70 -1.14 -2.60 -20.78
C GLU A 70 -2.21 -3.15 -19.84
N VAL A 71 -3.28 -2.38 -19.63
CA VAL A 71 -4.39 -2.78 -18.76
C VAL A 71 -5.49 -3.47 -19.57
N GLU A 72 -5.95 -4.62 -19.06
CA GLU A 72 -7.08 -5.35 -19.67
C GLU A 72 -8.43 -4.88 -19.11
N VAL A 73 -8.56 -4.87 -17.79
CA VAL A 73 -9.81 -4.49 -17.11
C VAL A 73 -9.48 -3.51 -15.99
N VAL A 74 -10.31 -2.49 -15.83
CA VAL A 74 -10.29 -1.61 -14.67
C VAL A 74 -11.50 -1.96 -13.80
N ILE A 75 -11.22 -2.38 -12.58
CA ILE A 75 -12.28 -2.70 -11.62
C ILE A 75 -12.30 -1.64 -10.53
N LYS A 76 -13.07 -0.58 -10.76
CA LYS A 76 -13.17 0.49 -9.77
C LYS A 76 -14.35 0.28 -8.82
N HIS A 77 -14.21 0.72 -7.58
CA HIS A 77 -15.27 0.54 -6.60
C HIS A 77 -16.52 1.31 -7.04
N ASN A 78 -17.66 0.64 -6.97
CA ASN A 78 -18.92 1.22 -7.40
C ASN A 78 -19.36 2.43 -6.56
N ARG A 79 -18.85 2.51 -5.33
CA ARG A 79 -19.23 3.58 -4.42
C ARG A 79 -18.25 4.76 -4.41
N PHE A 80 -17.22 4.75 -5.27
CA PHE A 80 -16.28 5.87 -5.31
C PHE A 80 -17.01 7.20 -5.53
N THR A 81 -16.60 8.22 -4.76
CA THR A 81 -17.16 9.56 -4.86
C THR A 81 -16.01 10.57 -5.00
N LYS A 82 -16.01 11.31 -6.10
CA LYS A 82 -15.01 12.35 -6.37
C LYS A 82 -15.07 13.52 -5.37
N GLU A 83 -16.22 13.68 -4.72
CA GLU A 83 -16.45 14.81 -3.83
C GLU A 83 -15.76 14.66 -2.48
N THR A 84 -15.74 13.43 -1.96
CA THR A 84 -15.15 13.13 -0.65
C THR A 84 -13.93 12.20 -0.74
N TYR A 85 -13.80 11.53 -1.89
CA TYR A 85 -12.80 10.46 -2.09
C TYR A 85 -13.07 9.20 -1.25
N ASP A 86 -14.30 9.08 -0.77
CA ASP A 86 -14.72 7.85 -0.08
C ASP A 86 -14.70 6.70 -1.08
N PHE A 87 -14.35 5.50 -0.60
CA PHE A 87 -14.23 4.30 -1.46
C PHE A 87 -13.19 4.49 -2.58
N ASP A 88 -12.04 5.08 -2.25
CA ASP A 88 -11.02 5.42 -3.23
C ASP A 88 -10.11 4.21 -3.53
N ILE A 89 -10.65 3.24 -4.26
CA ILE A 89 -9.95 1.98 -4.53
C ILE A 89 -10.31 1.42 -5.91
N ALA A 90 -9.29 0.94 -6.61
CA ALA A 90 -9.45 0.25 -7.89
C ALA A 90 -8.41 -0.87 -8.00
N VAL A 91 -8.72 -1.88 -8.81
CA VAL A 91 -7.79 -2.94 -9.15
C VAL A 91 -7.64 -2.97 -10.66
N LEU A 92 -6.40 -3.07 -11.14
CA LEU A 92 -6.15 -3.18 -12.56
C LEU A 92 -5.70 -4.59 -12.89
N ARG A 93 -6.40 -5.25 -13.82
CA ARG A 93 -5.95 -6.53 -14.35
C ARG A 93 -5.13 -6.26 -15.61
N LEU A 94 -3.90 -6.76 -15.65
CA LEU A 94 -2.98 -6.53 -16.77
C LEU A 94 -3.18 -7.55 -17.91
N LYS A 95 -2.88 -7.11 -19.13
CA LYS A 95 -3.01 -7.93 -20.36
C LYS A 95 -1.94 -9.02 -20.46
N THR A 96 -0.77 -8.75 -19.89
CA THR A 96 0.36 -9.67 -19.94
C THR A 96 0.97 -9.75 -18.55
N PRO A 97 1.29 -10.98 -18.07
CA PRO A 97 1.75 -11.13 -16.69
C PRO A 97 3.13 -10.53 -16.41
N ILE A 98 3.28 -9.98 -15.20
CA ILE A 98 4.56 -9.45 -14.72
C ILE A 98 5.52 -10.60 -14.42
N THR A 99 6.79 -10.43 -14.81
CA THR A 99 7.87 -11.36 -14.46
C THR A 99 8.59 -10.86 -13.20
N PHE A 100 8.41 -11.56 -12.08
CA PHE A 100 9.08 -11.18 -10.84
C PHE A 100 10.59 -11.40 -10.99
N ARG A 101 11.35 -10.48 -10.41
CA ARG A 101 12.77 -10.37 -10.63
C ARG A 101 13.26 -9.32 -9.63
N MET A 102 14.56 -9.07 -9.62
CA MET A 102 15.12 -8.00 -8.80
C MET A 102 14.29 -6.73 -9.01
N ASN A 103 13.88 -6.11 -7.91
CA ASN A 103 13.05 -4.89 -7.92
C ASN A 103 11.59 -5.02 -8.34
N VAL A 104 11.15 -6.25 -8.60
CA VAL A 104 9.79 -6.50 -9.05
C VAL A 104 9.19 -7.70 -8.32
N ALA A 105 8.40 -7.43 -7.29
CA ALA A 105 7.79 -8.49 -6.48
C ALA A 105 6.54 -7.94 -5.79
N PRO A 106 5.55 -8.82 -5.51
CA PRO A 106 4.29 -8.34 -4.92
C PRO A 106 4.38 -8.09 -3.41
N ALA A 107 3.52 -7.20 -2.89
CA ALA A 107 3.30 -7.09 -1.44
C ALA A 107 2.23 -8.11 -1.04
N CYS A 108 2.22 -8.52 0.23
CA CYS A 108 1.26 -9.51 0.74
C CYS A 108 -0.08 -8.89 1.11
N LEU A 109 -1.16 -9.62 0.86
CA LEU A 109 -2.48 -9.25 1.35
C LEU A 109 -2.71 -9.96 2.69
N PRO A 110 -2.97 -9.19 3.76
CA PRO A 110 -3.17 -9.82 5.06
C PRO A 110 -4.59 -10.37 5.23
N GLU A 111 -4.77 -11.24 6.22
CA GLU A 111 -6.10 -11.63 6.67
C GLU A 111 -6.71 -10.44 7.41
N ARG A 112 -8.01 -10.20 7.18
CA ARG A 112 -8.65 -8.97 7.70
C ARG A 112 -8.57 -8.81 9.20
N ASP A 113 -9.02 -9.83 9.95
CA ASP A 113 -9.07 -9.74 11.40
C ASP A 113 -7.70 -9.43 11.98
N TRP A 114 -6.69 -10.19 11.57
CA TRP A 114 -5.30 -9.99 12.00
C TRP A 114 -4.77 -8.61 11.60
N ALA A 115 -5.08 -8.18 10.38
CA ALA A 115 -4.64 -6.87 9.90
C ALA A 115 -5.20 -5.75 10.80
N GLU A 116 -6.47 -5.85 11.16
CA GLU A 116 -7.09 -4.87 12.07
C GLU A 116 -6.47 -4.88 13.45
N SER A 117 -6.32 -6.06 14.04
CA SER A 117 -5.82 -6.16 15.40
C SER A 117 -4.31 -5.95 15.52
N THR A 118 -3.56 -6.26 14.47
CA THR A 118 -2.11 -6.34 14.56
C THR A 118 -1.30 -5.38 13.66
N LEU A 119 -1.71 -5.23 12.41
CA LEU A 119 -1.00 -4.33 11.48
C LEU A 119 -1.37 -2.85 11.70
N MET A 120 -2.68 -2.59 11.78
CA MET A 120 -3.20 -1.23 11.99
C MET A 120 -2.83 -0.68 13.36
N THR A 121 -2.34 -1.55 14.24
CA THR A 121 -1.94 -1.13 15.56
C THR A 121 -0.42 -1.01 15.74
N GLN A 122 0.34 -1.26 14.68
CA GLN A 122 1.79 -0.97 14.70
C GLN A 122 1.98 0.55 14.76
N LYS A 123 3.13 1.01 15.22
CA LYS A 123 3.37 2.44 15.31
C LYS A 123 3.46 3.12 13.95
N THR A 124 4.04 2.43 12.97
CA THR A 124 4.32 3.04 11.66
C THR A 124 4.04 2.10 10.48
N GLY A 125 3.90 2.72 9.30
CA GLY A 125 3.94 2.05 8.00
C GLY A 125 4.91 2.80 7.08
N ILE A 126 4.98 2.35 5.83
CA ILE A 126 5.92 2.88 4.84
C ILE A 126 5.17 3.22 3.55
N VAL A 127 5.31 4.48 3.14
CA VAL A 127 4.71 4.96 1.88
C VAL A 127 5.84 5.16 0.88
N SER A 128 5.58 4.97 -0.40
CA SER A 128 6.64 5.14 -1.40
C SER A 128 6.12 5.68 -2.73
N GLY A 129 7.01 6.28 -3.53
CA GLY A 129 6.60 6.80 -4.84
C GLY A 129 7.60 7.69 -5.56
N PHE A 130 7.23 8.03 -6.79
CA PHE A 130 8.05 8.87 -7.67
C PHE A 130 7.54 10.32 -7.72
N GLY A 131 6.54 10.63 -6.90
CA GLY A 131 5.92 11.96 -6.89
C GLY A 131 6.77 13.13 -6.40
N ARG A 132 6.15 14.29 -6.27
CA ARG A 132 6.86 15.54 -5.94
C ARG A 132 7.63 15.46 -4.64
N THR A 133 8.77 16.13 -4.62
CA THR A 133 9.65 16.15 -3.46
C THR A 133 9.40 17.39 -2.57
N HIS A 134 8.44 18.21 -2.98
CA HIS A 134 7.98 19.42 -2.27
C HIS A 134 6.64 19.75 -2.88
N GLU A 135 5.69 20.24 -2.08
CA GLU A 135 4.35 20.61 -2.60
C GLU A 135 4.38 21.42 -3.91
N LYS A 136 5.28 22.38 -3.98
CA LYS A 136 5.46 23.26 -5.14
C LYS A 136 6.78 22.97 -5.87
N GLY A 137 7.10 21.68 -5.98
CA GLY A 137 8.31 21.23 -6.61
C GLY A 137 8.11 20.22 -7.72
N GLU A 138 9.19 19.50 -8.01
CA GLU A 138 9.21 18.57 -9.13
C GLU A 138 9.18 17.13 -8.66
N GLN A 139 8.75 16.23 -9.53
CA GLN A 139 8.75 14.79 -9.23
C GLN A 139 10.18 14.25 -9.10
N SER A 140 10.31 13.07 -8.50
CA SER A 140 11.61 12.45 -8.28
C SER A 140 11.94 11.49 -9.42
N THR A 141 13.18 11.49 -9.90
CA THR A 141 13.57 10.48 -10.89
C THR A 141 13.77 9.13 -10.22
N ARG A 142 14.29 9.14 -9.00
CA ARG A 142 14.55 7.93 -8.20
C ARG A 142 13.42 7.62 -7.24
N LEU A 143 13.15 6.33 -7.04
CA LEU A 143 12.07 5.91 -6.12
C LEU A 143 12.40 6.26 -4.68
N LYS A 144 11.45 6.90 -4.00
CA LYS A 144 11.62 7.26 -2.59
C LYS A 144 10.65 6.50 -1.69
N MET A 145 11.01 6.42 -0.42
CA MET A 145 10.17 5.81 0.62
C MET A 145 10.16 6.70 1.86
N LEU A 146 9.14 6.54 2.69
CA LEU A 146 9.01 7.34 3.89
C LEU A 146 8.24 6.56 4.95
N GLU A 147 8.80 6.47 6.15
CA GLU A 147 8.13 5.87 7.29
C GLU A 147 7.16 6.89 7.85
N VAL A 148 5.88 6.51 7.95
CA VAL A 148 4.85 7.42 8.46
C VAL A 148 4.15 6.82 9.67
N PRO A 149 4.17 7.52 10.83
CA PRO A 149 3.42 7.05 11.98
C PRO A 149 1.95 6.95 11.68
N TYR A 150 1.29 5.90 12.17
CA TYR A 150 -0.17 5.86 12.18
C TYR A 150 -0.65 6.98 13.10
N VAL A 151 -1.75 7.62 12.72
CA VAL A 151 -2.29 8.75 13.48
C VAL A 151 -3.67 8.40 14.03
N ASP A 152 -3.84 8.65 15.33
CA ASP A 152 -5.10 8.49 16.05
C ASP A 152 -6.27 9.06 15.25
N ARG A 153 -7.34 8.30 15.14
CA ARG A 153 -8.51 8.72 14.33
C ARG A 153 -9.11 10.05 14.81
N ASN A 154 -9.22 10.21 16.13
CA ASN A 154 -9.71 11.48 16.70
C ASN A 154 -8.81 12.65 16.36
N SER A 155 -7.49 12.46 16.53
CA SER A 155 -6.51 13.49 16.12
C SER A 155 -6.69 13.89 14.67
N CYS A 156 -6.95 12.92 13.81
CA CYS A 156 -7.10 13.21 12.39
C CYS A 156 -8.36 13.99 12.08
N LYS A 157 -9.48 13.55 12.65
CA LYS A 157 -10.77 14.24 12.48
C LYS A 157 -10.67 15.69 12.98
N LEU A 158 -9.93 15.90 14.07
CA LEU A 158 -9.66 17.25 14.60
C LEU A 158 -8.87 18.15 13.66
N SER A 159 -8.03 17.55 12.83
CA SER A 159 -7.11 18.28 11.96
C SER A 159 -7.73 18.60 10.60
N SER A 160 -8.76 17.85 10.22
CA SER A 160 -9.20 17.79 8.83
C SER A 160 -10.36 18.71 8.47
N SER A 161 -10.18 19.47 7.39
CA SER A 161 -11.23 20.33 6.83
C SER A 161 -12.31 19.54 6.11
N PHE A 162 -12.02 18.26 5.80
CA PHE A 162 -12.93 17.38 5.05
C PHE A 162 -13.22 16.10 5.83
N ILE A 163 -14.34 15.44 5.51
CA ILE A 163 -14.77 14.24 6.24
C ILE A 163 -13.78 13.09 6.12
N ILE A 164 -13.51 12.46 7.26
CA ILE A 164 -12.69 11.25 7.32
C ILE A 164 -13.66 10.10 7.60
N THR A 165 -13.80 9.19 6.63
CA THR A 165 -14.74 8.05 6.78
C THR A 165 -14.07 6.81 7.37
N GLN A 166 -14.88 5.77 7.58
CA GLN A 166 -14.42 4.46 8.03
C GLN A 166 -13.53 3.76 6.99
N ASN A 167 -13.58 4.25 5.75
CA ASN A 167 -12.78 3.71 4.63
C ASN A 167 -11.43 4.38 4.42
N MET A 168 -11.08 5.24 5.37
CA MET A 168 -9.86 6.06 5.33
C MET A 168 -9.15 5.92 6.65
N PHE A 169 -7.84 6.13 6.64
CA PHE A 169 -7.06 6.36 7.86
C PHE A 169 -6.02 7.45 7.63
N CYS A 170 -5.42 7.94 8.70
CA CYS A 170 -4.44 9.00 8.58
C CYS A 170 -3.07 8.53 9.02
N ALA A 171 -2.05 9.05 8.35
CA ALA A 171 -0.67 8.73 8.72
C ALA A 171 0.25 9.89 8.34
N GLY A 172 1.32 10.04 9.10
CA GLY A 172 2.29 11.09 8.84
C GLY A 172 2.58 11.89 10.10
N TYR A 173 2.84 13.18 9.89
CA TYR A 173 3.35 14.06 10.95
C TYR A 173 2.55 15.36 11.05
N ASP A 174 2.41 15.82 12.29
CA ASP A 174 1.74 17.08 12.58
C ASP A 174 2.56 18.22 12.00
N THR A 175 3.76 18.43 12.54
CA THR A 175 4.57 19.56 12.12
C THR A 175 5.80 19.22 11.28
N LYS A 176 6.35 18.02 11.43
CA LYS A 176 7.54 17.59 10.66
C LYS A 176 7.22 17.55 9.16
N GLN A 177 8.10 18.10 8.33
CA GLN A 177 7.82 18.30 6.90
C GLN A 177 8.09 17.09 6.02
N GLU A 178 7.39 15.99 6.29
CA GLU A 178 7.48 14.76 5.49
C GLU A 178 6.07 14.22 5.24
N ASP A 179 5.83 13.74 4.02
CA ASP A 179 4.49 13.35 3.56
C ASP A 179 4.60 12.81 2.15
N ALA A 180 3.59 12.07 1.70
CA ALA A 180 3.38 11.78 0.29
C ALA A 180 2.91 13.06 -0.41
N CYS A 181 2.91 13.07 -1.74
CA CYS A 181 2.53 14.27 -2.50
C CYS A 181 1.97 13.91 -3.88
N GLN A 182 1.60 14.94 -4.64
CA GLN A 182 1.15 14.77 -6.02
C GLN A 182 2.09 13.84 -6.78
N GLY A 183 1.53 12.84 -7.47
CA GLY A 183 2.33 11.87 -8.22
C GLY A 183 2.60 10.58 -7.47
N ASP A 184 2.43 10.62 -6.15
CA ASP A 184 2.50 9.41 -5.31
C ASP A 184 1.15 8.75 -5.15
N SER A 185 0.08 9.48 -5.44
CA SER A 185 -1.26 8.97 -5.11
C SER A 185 -1.59 7.69 -5.91
N GLY A 186 -2.36 6.80 -5.30
CA GLY A 186 -2.59 5.46 -5.85
C GLY A 186 -1.54 4.45 -5.41
N GLY A 187 -0.40 4.97 -4.93
CA GLY A 187 0.76 4.15 -4.55
C GLY A 187 0.65 3.39 -3.22
N PRO A 188 1.71 2.66 -2.87
CA PRO A 188 1.62 1.76 -1.70
C PRO A 188 1.82 2.42 -0.33
N HIS A 189 1.03 1.95 0.64
CA HIS A 189 1.32 2.08 2.08
C HIS A 189 1.35 0.65 2.59
N VAL A 190 2.52 0.23 3.07
CA VAL A 190 2.68 -1.14 3.55
C VAL A 190 3.14 -1.12 5.01
N THR A 191 2.82 -2.20 5.74
CA THR A 191 3.24 -2.32 7.13
C THR A 191 4.11 -3.56 7.30
N ARG A 192 5.26 -3.36 7.91
CA ARG A 192 6.22 -4.43 8.15
C ARG A 192 5.85 -5.19 9.41
N PHE A 193 5.79 -6.52 9.30
CA PHE A 193 5.64 -7.35 10.49
C PHE A 193 6.67 -8.47 10.41
N LYS A 194 7.62 -8.46 11.35
CA LYS A 194 8.76 -9.38 11.29
C LYS A 194 9.32 -9.57 9.86
N ASP A 195 9.81 -8.50 9.27
CA ASP A 195 10.47 -8.61 7.95
C ASP A 195 9.55 -9.04 6.77
N THR A 196 8.24 -9.04 6.97
CA THR A 196 7.31 -9.27 5.86
C THR A 196 6.40 -8.05 5.71
N TYR A 197 6.28 -7.57 4.47
CA TYR A 197 5.54 -6.33 4.16
C TYR A 197 4.12 -6.59 3.61
N PHE A 198 3.13 -6.06 4.32
CA PHE A 198 1.72 -6.30 4.01
C PHE A 198 1.06 -5.02 3.55
N VAL A 199 0.17 -5.13 2.57
CA VAL A 199 -0.59 -3.98 2.04
C VAL A 199 -1.57 -3.48 3.10
N THR A 200 -1.45 -2.20 3.49
CA THR A 200 -2.34 -1.60 4.49
C THR A 200 -3.07 -0.35 3.99
N GLY A 201 -2.48 0.32 3.01
CA GLY A 201 -3.08 1.55 2.48
C GLY A 201 -2.85 1.86 1.01
N ILE A 202 -3.64 2.81 0.52
CA ILE A 202 -3.42 3.40 -0.80
C ILE A 202 -3.33 4.90 -0.60
N VAL A 203 -2.27 5.53 -1.11
CA VAL A 203 -2.15 7.01 -1.01
C VAL A 203 -3.41 7.66 -1.65
N SER A 204 -4.18 8.42 -0.87
CA SER A 204 -5.49 8.89 -1.35
C SER A 204 -5.57 10.41 -1.53
N TRP A 205 -5.46 11.15 -0.43
CA TRP A 205 -5.58 12.60 -0.49
C TRP A 205 -4.86 13.33 0.64
N GLY A 206 -4.72 14.64 0.49
CA GLY A 206 -4.22 15.50 1.56
C GLY A 206 -4.51 16.95 1.24
N GLU A 207 -4.47 17.78 2.27
CA GLU A 207 -4.62 19.22 2.11
C GLU A 207 -3.23 19.80 1.91
N GLY A 208 -2.85 19.99 0.65
CA GLY A 208 -1.45 20.25 0.28
C GLY A 208 -0.57 19.03 0.53
N CYS A 209 0.73 19.25 0.70
CA CYS A 209 1.68 18.20 1.08
C CYS A 209 2.58 18.65 2.23
N ALA A 210 2.66 17.81 3.26
CA ALA A 210 3.52 18.03 4.43
C ALA A 210 3.20 19.34 5.17
N ARG A 211 1.94 19.78 5.09
CA ARG A 211 1.51 21.00 5.76
C ARG A 211 1.43 20.82 7.29
N LYS A 212 1.72 21.90 8.01
CA LYS A 212 1.57 21.91 9.46
C LYS A 212 0.10 21.73 9.87
N GLY A 213 -0.13 20.84 10.85
CA GLY A 213 -1.48 20.51 11.33
C GLY A 213 -2.32 19.66 10.38
N LYS A 214 -1.67 19.06 9.38
CA LYS A 214 -2.36 18.20 8.43
C LYS A 214 -1.59 16.90 8.21
N TYR A 215 -2.33 15.81 7.98
CA TYR A 215 -1.75 14.50 7.77
C TYR A 215 -2.04 13.97 6.35
N GLY A 216 -1.35 12.89 5.98
CA GLY A 216 -1.69 12.17 4.75
C GLY A 216 -2.92 11.30 5.01
N ILE A 217 -3.82 11.26 4.03
CA ILE A 217 -5.02 10.43 4.14
C ILE A 217 -4.92 9.25 3.17
N TYR A 218 -5.27 8.08 3.69
CA TYR A 218 -5.06 6.80 2.99
C TYR A 218 -6.36 5.97 2.96
N THR A 219 -6.60 5.30 1.84
CA THR A 219 -7.67 4.29 1.75
C THR A 219 -7.32 3.13 2.68
N LYS A 220 -8.24 2.79 3.57
CA LYS A 220 -8.06 1.71 4.54
C LYS A 220 -8.33 0.36 3.88
N VAL A 221 -7.26 -0.33 3.52
CA VAL A 221 -7.35 -1.59 2.79
C VAL A 221 -8.10 -2.70 3.56
N THR A 222 -8.02 -2.71 4.89
CA THR A 222 -8.74 -3.72 5.69
C THR A 222 -10.24 -3.72 5.40
N ALA A 223 -10.79 -2.53 5.10
CA ALA A 223 -12.21 -2.40 4.81
C ALA A 223 -12.59 -3.05 3.48
N PHE A 224 -11.58 -3.39 2.67
CA PHE A 224 -11.79 -3.84 1.29
C PHE A 224 -11.10 -5.16 0.95
N LEU A 225 -10.61 -5.87 1.96
CA LEU A 225 -9.93 -7.15 1.70
C LEU A 225 -10.85 -8.18 1.01
N LYS A 226 -12.12 -8.23 1.41
CA LYS A 226 -13.10 -9.12 0.75
C LYS A 226 -13.34 -8.70 -0.68
N TRP A 227 -13.56 -7.39 -0.88
CA TRP A 227 -13.74 -6.80 -2.20
C TRP A 227 -12.55 -7.06 -3.13
N ILE A 228 -11.33 -6.97 -2.59
CA ILE A 228 -10.13 -7.26 -3.38
C ILE A 228 -10.07 -8.72 -3.81
N ASP A 229 -10.32 -9.63 -2.87
CA ASP A 229 -10.36 -11.08 -3.15
C ASP A 229 -11.39 -11.40 -4.24
N ARG A 230 -12.59 -10.83 -4.11
CA ARG A 230 -13.65 -11.00 -5.13
C ARG A 230 -13.21 -10.51 -6.50
N SER A 231 -12.54 -9.36 -6.54
CA SER A 231 -12.11 -8.72 -7.79
C SER A 231 -10.95 -9.44 -8.48
N MET A 232 -10.17 -10.19 -7.70
CA MET A 232 -9.05 -10.98 -8.22
C MET A 232 -9.50 -12.42 -8.46
N LYS A 233 -10.72 -12.71 -8.02
CA LYS A 233 -11.37 -14.03 -8.14
C LYS A 233 -10.58 -15.17 -7.52
N THR A 234 -10.54 -16.30 -8.02
N LYS B 2 -6.57 -13.41 23.95
CA LYS B 2 -5.54 -13.37 25.03
C LYS B 2 -4.14 -13.71 24.52
N LEU B 3 -3.99 -14.88 23.93
CA LEU B 3 -2.68 -15.43 23.62
C LEU B 3 -2.00 -14.78 22.41
N CYS B 4 -2.79 -14.45 21.39
CA CYS B 4 -2.27 -13.72 20.21
C CYS B 4 -1.90 -12.26 20.50
N SER B 5 -2.37 -11.73 21.62
CA SER B 5 -2.06 -10.33 21.99
C SER B 5 -0.74 -10.20 22.73
N LEU B 6 -0.05 -11.32 22.94
CA LEU B 6 1.28 -11.34 23.54
C LEU B 6 2.31 -11.88 22.56
N ASP B 7 3.11 -10.98 21.98
CA ASP B 7 4.12 -11.32 20.98
C ASP B 7 3.54 -12.17 19.83
N ASN B 8 2.30 -11.87 19.46
CA ASN B 8 1.62 -12.51 18.33
C ASN B 8 1.51 -14.04 18.44
N GLY B 9 1.49 -14.57 19.66
CA GLY B 9 1.45 -16.03 19.88
C GLY B 9 2.69 -16.73 19.35
N ASP B 10 3.76 -15.96 19.17
CA ASP B 10 5.04 -16.41 18.55
C ASP B 10 4.93 -16.79 17.06
N CYS B 11 3.80 -16.45 16.43
CA CYS B 11 3.58 -16.72 15.00
C CYS B 11 4.38 -15.72 14.16
N ASP B 12 4.94 -16.19 13.04
CA ASP B 12 5.61 -15.32 12.06
C ASP B 12 4.64 -14.34 11.37
N GLN B 13 3.46 -14.85 11.02
CA GLN B 13 2.46 -14.07 10.31
C GLN B 13 1.11 -14.08 11.05
N PHE B 14 0.08 -14.68 10.47
CA PHE B 14 -1.27 -14.65 11.08
C PHE B 14 -1.37 -15.47 12.38
N CYS B 15 -2.07 -14.93 13.38
CA CYS B 15 -2.32 -15.63 14.65
C CYS B 15 -3.82 -15.65 14.95
N HIS B 16 -4.33 -16.83 15.32
CA HIS B 16 -5.71 -16.96 15.80
C HIS B 16 -5.77 -17.84 17.05
N GLU B 17 -6.80 -17.62 17.87
CA GLU B 17 -6.99 -18.43 19.08
C GLU B 17 -8.19 -19.34 18.95
N ASN B 20 -7.47 -21.33 25.82
CA ASN B 20 -7.46 -22.14 24.57
C ASN B 20 -6.02 -22.36 24.05
N SER B 21 -5.86 -22.31 22.72
CA SER B 21 -4.58 -22.58 22.07
C SER B 21 -4.29 -21.51 20.99
N VAL B 22 -3.06 -21.47 20.49
CA VAL B 22 -2.69 -20.60 19.37
C VAL B 22 -2.63 -21.41 18.06
N VAL B 23 -3.22 -20.86 17.00
CA VAL B 23 -3.08 -21.41 15.64
C VAL B 23 -2.48 -20.37 14.69
N CYS B 24 -1.30 -20.68 14.17
CA CYS B 24 -0.60 -19.82 13.21
C CYS B 24 -0.91 -20.20 11.75
N SER B 25 -0.89 -19.21 10.86
CA SER B 25 -1.01 -19.44 9.44
C SER B 25 -0.18 -18.41 8.65
N CYS B 26 -0.17 -18.53 7.33
CA CYS B 26 0.69 -17.71 6.46
C CYS B 26 -0.03 -17.24 5.20
N ALA B 27 0.50 -16.17 4.60
CA ALA B 27 -0.01 -15.64 3.34
C ALA B 27 0.23 -16.65 2.20
N ARG B 28 -0.45 -16.44 1.07
CA ARG B 28 -0.25 -17.27 -0.12
C ARG B 28 1.21 -17.23 -0.58
N GLY B 29 1.74 -18.40 -0.99
CA GLY B 29 3.13 -18.51 -1.39
C GLY B 29 4.06 -18.89 -0.25
N TYR B 30 3.50 -19.02 0.95
CA TYR B 30 4.26 -19.50 2.11
C TYR B 30 3.67 -20.80 2.63
N THR B 31 4.53 -21.63 3.23
CA THR B 31 4.10 -22.85 3.92
C THR B 31 4.43 -22.74 5.40
N LEU B 32 3.49 -23.14 6.25
CA LEU B 32 3.72 -23.16 7.69
C LEU B 32 4.82 -24.18 8.00
N ALA B 33 5.82 -23.75 8.76
CA ALA B 33 6.94 -24.63 9.13
C ALA B 33 6.52 -25.76 10.05
N ASP B 34 7.40 -26.76 10.19
CA ASP B 34 7.12 -27.91 11.06
C ASP B 34 6.72 -27.49 12.48
N ASN B 35 7.35 -26.41 12.98
CA ASN B 35 7.07 -25.92 14.33
C ASN B 35 5.70 -25.24 14.50
N GLY B 36 4.99 -25.08 13.39
CA GLY B 36 3.66 -24.46 13.37
C GLY B 36 3.63 -22.96 13.67
N LYS B 37 4.79 -22.31 13.59
CA LYS B 37 4.90 -20.89 13.93
C LYS B 37 5.46 -20.08 12.77
N ALA B 38 6.58 -20.56 12.20
CA ALA B 38 7.30 -19.87 11.12
C ALA B 38 6.64 -20.03 9.76
N CYS B 39 6.86 -19.06 8.87
CA CYS B 39 6.37 -19.10 7.49
C CYS B 39 7.50 -19.18 6.48
N ILE B 40 7.50 -20.24 5.68
CA ILE B 40 8.60 -20.56 4.77
C ILE B 40 8.21 -20.32 3.31
N PRO B 41 9.00 -19.51 2.57
CA PRO B 41 8.68 -19.29 1.14
C PRO B 41 8.72 -20.56 0.29
N THR B 42 7.97 -20.56 -0.80
CA THR B 42 7.91 -21.70 -1.72
C THR B 42 8.68 -21.42 -3.01
N GLY B 43 9.00 -20.15 -3.24
CA GLY B 43 9.66 -19.70 -4.48
C GLY B 43 10.62 -18.53 -4.26
N PRO B 44 11.24 -18.02 -5.34
CA PRO B 44 12.24 -16.98 -5.24
C PRO B 44 11.68 -15.57 -4.99
N TYR B 45 10.39 -15.36 -5.24
CA TYR B 45 9.78 -14.02 -5.06
C TYR B 45 8.47 -14.07 -4.25
N PRO B 46 8.56 -14.53 -2.99
CA PRO B 46 7.37 -14.61 -2.16
C PRO B 46 6.86 -13.19 -1.89
N CYS B 47 5.56 -13.03 -1.64
CA CYS B 47 5.06 -11.68 -1.39
C CYS B 47 5.71 -11.06 -0.16
N GLY B 48 5.87 -9.74 -0.18
CA GLY B 48 6.25 -9.02 1.02
C GLY B 48 7.71 -9.12 1.40
N LYS B 49 8.53 -9.73 0.56
CA LYS B 49 9.98 -9.74 0.79
C LYS B 49 10.74 -8.81 -0.15
N GLN B 50 11.66 -8.05 0.42
CA GLN B 50 12.59 -7.26 -0.36
C GLN B 50 13.44 -8.20 -1.22
N THR B 51 13.91 -7.73 -2.37
CA THR B 51 14.65 -8.60 -3.29
C THR B 51 16.15 -8.39 -3.09
N LEU B 52 16.82 -9.43 -2.59
CA LEU B 52 18.20 -9.30 -2.10
C LEU B 52 19.18 -10.25 -2.76
N GLU B 53 18.86 -11.03 -3.66
O18 784 C . -7.78 15.71 -6.30
C11 784 C . -6.90 15.39 -5.53
N12 784 C . -6.61 16.06 -4.32
C19 784 C . -7.73 16.78 -3.65
C21 784 C . -8.88 15.90 -3.13
C23 784 C . -9.51 16.55 -1.90
N29 784 C . -10.85 16.07 -1.49
C32 784 C . -11.79 15.98 -2.62
C31 784 C . -11.39 17.05 -0.54
C30 784 C . -10.76 14.75 -0.85
C5 784 C . -5.99 14.23 -5.79
C2 784 C . -5.49 13.86 -4.41
C6 784 C . -5.95 15.03 -3.59
O13 784 C . -5.80 15.13 -2.39
C7 784 C . -4.78 14.73 -6.57
C14 784 C . -4.45 13.91 -7.82
C15 784 C . -2.94 13.70 -7.79
C8 784 C . -2.46 14.23 -6.45
N3 784 C . -3.63 14.69 -5.66
C1 784 C . -3.97 13.72 -4.60
C4 784 C . -3.14 13.81 -3.35
C10 784 C . -2.60 15.02 -2.88
C17 784 C . -1.84 15.06 -1.72
C20 784 C . -1.60 13.88 -1.00
C22 784 C . -0.79 13.94 0.27
N25 784 C . -0.64 12.93 1.04
N24 784 C . -0.25 15.10 0.59
C16 784 C . -2.14 12.67 -1.46
C9 784 C . -2.90 12.64 -2.64
NA NA D . 1.63 17.78 8.82
#